data_7Y9P
#
_entry.id   7Y9P
#
_cell.length_a   158.272
_cell.length_b   158.272
_cell.length_c   65.497
_cell.angle_alpha   90.00
_cell.angle_beta   90.00
_cell.angle_gamma   120.00
#
_symmetry.space_group_name_H-M   'P 6 2 2'
#
loop_
_entity.id
_entity.type
_entity.pdbx_description
1 polymer 'Xylitol dehydrogenase'
2 non-polymer 'ZINC ION'
3 non-polymer GLYCEROL
4 non-polymer 'SULFATE ION'
5 non-polymer DI(HYDROXYETHYL)ETHER
6 water water
#
_entity_poly.entity_id   1
_entity_poly.type   'polypeptide(L)'
_entity_poly.pdbx_seq_one_letter_code
;MRGSHHHHHHGSTANPSLVLNKIDDISFETYDAPEISEPTDVLVQVKKTGICGSDIHFYAHGRIGNFVLTKPMVLGHESA
GTVVQVGKGVTSLKVGDNVAIEPGIPCRFCDECKSGHYNLCPHMAFAATPNSKEGEPNPPGTLCKYFKSPEDFLVKLPDH
VSLELGALVEPLSVGVHASKLGSVAFGDYVAVFGAGPVGLLAAAVAKTFGAKGVIVVDIFDNKLKMAKDIGAATHTFNSK
TGGSEELIKAFGGNVPNVVLECTGAEPCIKLGVDAIAPGGRFVQVGNAAGPVSFPITVFAMKELTLFGSFRYGFNDYKTA
VGIFDTNYQNGRENAPIDFEQLITHRYKFKDAIEAYDLVRAGKGAVKCLIDGPE
;
_entity_poly.pdbx_strand_id   A
#
# COMPACT_ATOMS: atom_id res chain seq x y z
N THR A 13 3.36 -1.22 -30.80
CA THR A 13 2.16 -2.02 -30.63
C THR A 13 2.48 -3.42 -30.12
N ALA A 14 3.63 -3.57 -29.47
CA ALA A 14 4.07 -4.83 -28.88
C ALA A 14 4.38 -4.61 -27.40
N ASN A 15 3.93 -5.54 -26.56
CA ASN A 15 3.92 -5.33 -25.12
C ASN A 15 4.34 -6.61 -24.39
N PRO A 16 5.59 -6.67 -23.89
CA PRO A 16 5.98 -7.80 -23.04
C PRO A 16 5.36 -7.69 -21.66
N SER A 17 5.10 -8.84 -21.05
CA SER A 17 4.38 -8.86 -19.79
C SER A 17 4.84 -10.04 -18.93
N LEU A 18 4.85 -9.81 -17.62
CA LEU A 18 4.93 -10.91 -16.67
C LEU A 18 3.53 -11.46 -16.44
N VAL A 19 3.40 -12.79 -16.47
CA VAL A 19 2.09 -13.43 -16.42
C VAL A 19 2.14 -14.60 -15.46
N LEU A 20 1.08 -14.75 -14.65
CA LEU A 20 0.87 -15.94 -13.82
C LEU A 20 -0.23 -16.75 -14.50
N ASN A 21 0.14 -17.93 -15.02
CA ASN A 21 -0.81 -18.78 -15.74
C ASN A 21 -1.52 -19.74 -14.79
N LYS A 22 -0.76 -20.56 -14.08
CA LYS A 22 -1.29 -21.42 -13.04
C LYS A 22 -0.33 -21.39 -11.86
N ILE A 23 -0.64 -22.19 -10.84
CA ILE A 23 0.09 -22.11 -9.58
C ILE A 23 1.56 -22.44 -9.84
N ASP A 24 2.44 -21.62 -9.28
CA ASP A 24 3.89 -21.73 -9.41
C ASP A 24 4.39 -21.56 -10.85
N ASP A 25 3.51 -21.20 -11.78
CA ASP A 25 3.88 -21.00 -13.18
C ASP A 25 3.83 -19.50 -13.48
N ILE A 26 5.00 -18.89 -13.60
CA ILE A 26 5.15 -17.50 -14.00
C ILE A 26 6.02 -17.48 -15.25
N SER A 27 5.51 -16.86 -16.32
CA SER A 27 6.19 -16.85 -17.61
C SER A 27 6.16 -15.45 -18.21
N PHE A 28 7.08 -15.22 -19.14
CA PHE A 28 7.13 -13.97 -19.90
C PHE A 28 6.39 -14.19 -21.22
N GLU A 29 5.37 -13.39 -21.46
CA GLU A 29 4.64 -13.41 -22.72
C GLU A 29 4.74 -12.05 -23.40
N THR A 30 4.14 -11.94 -24.58
CA THR A 30 4.12 -10.69 -25.33
C THR A 30 2.74 -10.56 -25.97
N TYR A 31 1.95 -9.62 -25.46
CA TYR A 31 0.61 -9.34 -25.97
C TYR A 31 0.62 -8.04 -26.78
N ASP A 32 -0.56 -7.67 -27.26
CA ASP A 32 -0.72 -6.42 -27.99
C ASP A 32 -0.78 -5.25 -27.01
N ALA A 33 -0.11 -4.16 -27.37
CA ALA A 33 -0.10 -2.98 -26.51
C ALA A 33 -1.50 -2.38 -26.44
N PRO A 34 -1.93 -1.93 -25.26
CA PRO A 34 -3.26 -1.31 -25.15
C PRO A 34 -3.31 -0.01 -25.94
N GLU A 35 -4.42 0.20 -26.63
CA GLU A 35 -4.62 1.40 -27.44
C GLU A 35 -5.59 2.34 -26.74
N ILE A 36 -5.37 3.64 -26.97
CA ILE A 36 -6.27 4.66 -26.42
C ILE A 36 -7.61 4.58 -27.11
N SER A 37 -8.69 4.62 -26.33
CA SER A 37 -10.04 4.61 -26.89
C SER A 37 -10.85 5.79 -26.36
N GLU A 38 -10.87 5.97 -25.03
CA GLU A 38 -11.67 7.04 -24.45
C GLU A 38 -10.90 8.35 -24.46
N PRO A 39 -11.60 9.48 -24.52
CA PRO A 39 -10.91 10.78 -24.57
C PRO A 39 -10.10 11.10 -23.32
N THR A 40 -10.37 10.44 -22.19
CA THR A 40 -9.65 10.67 -20.95
C THR A 40 -8.56 9.62 -20.73
N ASP A 41 -8.44 8.67 -21.65
CA ASP A 41 -7.49 7.56 -21.53
C ASP A 41 -6.06 8.05 -21.65
N VAL A 42 -5.15 7.36 -20.97
CA VAL A 42 -3.72 7.72 -20.95
C VAL A 42 -2.91 6.43 -21.03
N LEU A 43 -1.90 6.41 -21.90
CA LEU A 43 -0.97 5.30 -22.00
C LEU A 43 0.31 5.64 -21.25
N VAL A 44 0.79 4.67 -20.47
CA VAL A 44 1.90 4.88 -19.53
C VAL A 44 2.92 3.77 -19.72
N GLN A 45 4.20 4.15 -19.81
CA GLN A 45 5.28 3.17 -19.84
C GLN A 45 5.68 2.87 -18.40
N VAL A 46 5.34 1.66 -17.94
CA VAL A 46 5.64 1.27 -16.57
C VAL A 46 7.14 1.11 -16.40
N LYS A 47 7.70 1.81 -15.42
CA LYS A 47 9.14 1.80 -15.18
C LYS A 47 9.54 1.11 -13.88
N LYS A 48 8.73 1.22 -12.83
CA LYS A 48 8.99 0.54 -11.57
C LYS A 48 7.72 -0.16 -11.11
N THR A 49 7.88 -1.21 -10.31
CA THR A 49 6.76 -1.99 -9.83
C THR A 49 7.10 -2.60 -8.47
N GLY A 50 6.20 -2.46 -7.50
CA GLY A 50 6.40 -3.02 -6.18
C GLY A 50 5.83 -4.42 -6.03
N ILE A 51 6.11 -5.02 -4.86
CA ILE A 51 5.75 -6.40 -4.59
C ILE A 51 5.37 -6.52 -3.11
N CYS A 52 4.29 -7.25 -2.83
CA CYS A 52 3.78 -7.34 -1.47
C CYS A 52 3.30 -8.77 -1.21
N GLY A 53 2.58 -8.95 -0.11
CA GLY A 53 2.09 -10.27 0.24
C GLY A 53 1.04 -10.79 -0.72
N SER A 54 0.29 -9.89 -1.38
CA SER A 54 -0.74 -10.35 -2.30
C SER A 54 -0.16 -10.89 -3.60
N ASP A 55 0.99 -10.37 -4.03
CA ASP A 55 1.60 -10.88 -5.26
C ASP A 55 2.09 -12.31 -5.08
N ILE A 56 2.72 -12.60 -3.93
CA ILE A 56 3.21 -13.95 -3.67
C ILE A 56 2.05 -14.88 -3.31
N HIS A 57 0.96 -14.32 -2.77
CA HIS A 57 -0.21 -15.13 -2.42
C HIS A 57 -0.82 -15.78 -3.66
N PHE A 58 -1.11 -14.99 -4.69
CA PHE A 58 -1.62 -15.57 -5.94
C PHE A 58 -0.60 -16.51 -6.56
N TYR A 59 0.69 -16.18 -6.43
CA TYR A 59 1.74 -17.05 -6.96
C TYR A 59 1.69 -18.41 -6.29
N ALA A 60 1.52 -18.44 -4.97
CA ALA A 60 1.58 -19.70 -4.24
C ALA A 60 0.26 -20.49 -4.30
N HIS A 61 -0.88 -19.80 -4.28
CA HIS A 61 -2.18 -20.47 -4.22
C HIS A 61 -3.11 -20.14 -5.39
N GLY A 62 -2.94 -18.99 -6.04
CA GLY A 62 -3.89 -18.59 -7.07
C GLY A 62 -5.25 -18.21 -6.55
N ARG A 63 -5.36 -17.96 -5.24
CA ARG A 63 -6.64 -17.58 -4.64
C ARG A 63 -6.37 -16.77 -3.40
N ILE A 64 -6.97 -15.58 -3.33
CA ILE A 64 -7.10 -14.83 -2.09
C ILE A 64 -8.58 -14.72 -1.76
N GLY A 65 -8.98 -15.34 -0.65
CA GLY A 65 -10.38 -15.35 -0.29
C GLY A 65 -11.18 -16.04 -1.38
N ASN A 66 -12.10 -15.30 -2.00
CA ASN A 66 -12.86 -15.80 -3.13
C ASN A 66 -12.37 -15.28 -4.47
N PHE A 67 -11.40 -14.35 -4.48
CA PHE A 67 -10.68 -14.01 -5.69
C PHE A 67 -9.86 -15.22 -6.12
N VAL A 68 -10.30 -15.92 -7.17
CA VAL A 68 -9.63 -17.15 -7.60
C VAL A 68 -9.28 -17.04 -9.08
N LEU A 69 -8.15 -17.63 -9.45
CA LEU A 69 -7.54 -17.43 -10.75
C LEU A 69 -8.02 -18.51 -11.72
N THR A 70 -8.56 -18.08 -12.86
CA THR A 70 -9.11 -19.00 -13.85
C THR A 70 -8.55 -18.81 -15.25
N LYS A 71 -7.64 -17.86 -15.46
CA LYS A 71 -7.11 -17.57 -16.79
C LYS A 71 -5.71 -17.02 -16.62
N PRO A 72 -4.93 -16.96 -17.72
CA PRO A 72 -3.65 -16.25 -17.66
C PRO A 72 -3.83 -14.79 -17.26
N MET A 73 -3.34 -14.44 -16.06
CA MET A 73 -3.48 -13.10 -15.52
C MET A 73 -2.17 -12.33 -15.69
N VAL A 74 -2.27 -11.08 -16.11
CA VAL A 74 -1.12 -10.19 -16.17
C VAL A 74 -0.92 -9.57 -14.79
N LEU A 75 0.33 -9.45 -14.37
CA LEU A 75 0.68 -9.27 -12.97
C LEU A 75 1.08 -7.83 -12.66
N GLY A 76 1.12 -7.51 -11.37
CA GLY A 76 1.64 -6.24 -10.88
C GLY A 76 0.59 -5.20 -10.51
N HIS A 77 0.76 -4.54 -9.35
CA HIS A 77 -0.23 -3.56 -8.92
C HIS A 77 0.32 -2.38 -8.12
N GLU A 78 1.63 -2.28 -7.90
CA GLU A 78 2.23 -1.13 -7.20
C GLU A 78 3.30 -0.51 -8.10
N SER A 79 2.89 0.34 -9.03
CA SER A 79 3.77 0.76 -10.09
C SER A 79 3.77 2.27 -10.27
N ALA A 80 4.78 2.73 -11.01
CA ALA A 80 4.91 4.11 -11.45
C ALA A 80 5.49 4.11 -12.85
N GLY A 81 5.01 5.02 -13.69
CA GLY A 81 5.48 5.06 -15.07
C GLY A 81 5.69 6.44 -15.64
N THR A 82 5.72 6.52 -16.97
CA THR A 82 5.91 7.77 -17.70
C THR A 82 4.84 7.86 -18.78
N VAL A 83 4.20 9.02 -18.87
CA VAL A 83 3.16 9.21 -19.87
C VAL A 83 3.78 9.17 -21.26
N VAL A 84 3.20 8.36 -22.14
CA VAL A 84 3.70 8.20 -23.50
C VAL A 84 2.65 8.52 -24.56
N GLN A 85 1.41 8.75 -24.15
CA GLN A 85 0.32 9.07 -25.08
C GLN A 85 -0.90 9.49 -24.26
N VAL A 86 -1.67 10.45 -24.79
CA VAL A 86 -2.88 10.92 -24.14
C VAL A 86 -4.00 11.03 -25.16
N GLY A 87 -5.23 11.07 -24.65
CA GLY A 87 -6.40 11.30 -25.48
C GLY A 87 -6.71 12.78 -25.59
N LYS A 88 -7.79 13.07 -26.32
CA LYS A 88 -8.15 14.46 -26.59
C LYS A 88 -8.46 15.21 -25.30
N GLY A 89 -9.23 14.60 -24.40
CA GLY A 89 -9.74 15.28 -23.24
C GLY A 89 -8.82 15.38 -22.04
N VAL A 90 -7.59 14.87 -22.14
CA VAL A 90 -6.67 14.92 -21.02
C VAL A 90 -6.23 16.36 -20.79
N THR A 91 -6.39 16.84 -19.55
CA THR A 91 -6.01 18.20 -19.20
C THR A 91 -5.06 18.28 -18.02
N SER A 92 -4.74 17.15 -17.37
CA SER A 92 -3.92 17.15 -16.17
C SER A 92 -2.56 16.51 -16.37
N LEU A 93 -2.29 15.96 -17.54
CA LEU A 93 -1.00 15.35 -17.84
C LEU A 93 -0.64 15.59 -19.30
N LYS A 94 0.63 15.86 -19.56
CA LYS A 94 1.16 15.90 -20.91
C LYS A 94 2.00 14.65 -21.16
N VAL A 95 2.35 14.43 -22.42
CA VAL A 95 3.18 13.28 -22.77
C VAL A 95 4.58 13.52 -22.18
N GLY A 96 4.94 12.70 -21.19
CA GLY A 96 6.27 12.80 -20.61
C GLY A 96 6.31 13.04 -19.11
N ASP A 97 5.16 13.01 -18.44
CA ASP A 97 5.13 13.16 -17.00
C ASP A 97 5.39 11.84 -16.29
N ASN A 98 5.95 11.93 -15.09
CA ASN A 98 6.10 10.79 -14.21
C ASN A 98 4.86 10.66 -13.34
N VAL A 99 4.28 9.46 -13.31
CA VAL A 99 3.00 9.23 -12.64
C VAL A 99 3.10 8.02 -11.72
N ALA A 100 2.42 8.11 -10.59
CA ALA A 100 2.04 6.93 -9.81
C ALA A 100 0.71 6.41 -10.34
N ILE A 101 0.53 5.09 -10.28
CA ILE A 101 -0.62 4.43 -10.88
C ILE A 101 -1.54 3.96 -9.76
N GLU A 102 -2.80 4.41 -9.80
CA GLU A 102 -3.83 3.83 -8.95
C GLU A 102 -4.43 2.64 -9.69
N PRO A 103 -4.28 1.43 -9.21
CA PRO A 103 -4.53 0.25 -10.05
C PRO A 103 -6.00 -0.13 -10.19
N GLY A 104 -6.84 0.22 -9.21
CA GLY A 104 -8.24 -0.15 -9.22
C GLY A 104 -9.13 0.94 -9.78
N ILE A 105 -9.87 0.61 -10.84
CA ILE A 105 -10.72 1.55 -11.55
C ILE A 105 -12.18 1.19 -11.28
N PRO A 106 -13.02 2.15 -10.90
CA PRO A 106 -14.41 1.83 -10.57
C PRO A 106 -15.38 2.18 -11.69
N CYS A 107 -16.67 1.93 -11.47
CA CYS A 107 -17.67 2.14 -12.51
C CYS A 107 -18.16 3.57 -12.62
N ARG A 108 -18.02 4.37 -11.56
CA ARG A 108 -18.44 5.78 -11.50
C ARG A 108 -19.95 5.94 -11.51
N PHE A 109 -20.70 4.87 -11.71
CA PHE A 109 -22.14 4.93 -11.80
C PHE A 109 -22.87 4.37 -10.58
N CYS A 110 -22.31 3.38 -9.91
CA CYS A 110 -22.99 2.73 -8.79
C CYS A 110 -23.14 3.69 -7.62
N ASP A 111 -23.91 3.25 -6.62
CA ASP A 111 -24.19 4.10 -5.47
C ASP A 111 -22.97 4.26 -4.58
N GLU A 112 -22.09 3.27 -4.55
CA GLU A 112 -20.84 3.45 -3.81
C GLU A 112 -19.97 4.52 -4.45
N CYS A 113 -19.84 4.46 -5.77
CA CYS A 113 -19.09 5.48 -6.50
C CYS A 113 -19.72 6.85 -6.31
N LYS A 114 -21.03 6.95 -6.59
CA LYS A 114 -21.72 8.24 -6.55
C LYS A 114 -21.65 8.87 -5.17
N SER A 115 -21.59 8.06 -4.11
CA SER A 115 -21.52 8.57 -2.75
C SER A 115 -20.10 8.97 -2.35
N GLY A 116 -19.14 8.87 -3.25
CA GLY A 116 -17.77 9.18 -2.93
C GLY A 116 -17.01 8.04 -2.29
N HIS A 117 -17.37 6.79 -2.61
CA HIS A 117 -16.75 5.60 -2.05
C HIS A 117 -16.50 4.58 -3.15
N TYR A 118 -15.90 5.03 -4.26
CA TYR A 118 -15.49 4.11 -5.33
C TYR A 118 -14.64 2.99 -4.79
N ASN A 119 -13.98 3.22 -3.65
CA ASN A 119 -13.47 2.22 -2.73
C ASN A 119 -14.23 0.90 -2.79
N LEU A 120 -15.54 0.96 -2.56
CA LEU A 120 -16.38 -0.22 -2.38
C LEU A 120 -17.21 -0.53 -3.61
N CYS A 121 -16.80 -0.05 -4.77
CA CYS A 121 -17.52 -0.34 -6.01
C CYS A 121 -17.59 -1.84 -6.24
N PRO A 122 -18.78 -2.42 -6.32
CA PRO A 122 -18.87 -3.87 -6.58
C PRO A 122 -18.36 -4.25 -7.96
N HIS A 123 -18.25 -3.31 -8.90
CA HIS A 123 -17.70 -3.55 -10.22
C HIS A 123 -16.24 -3.13 -10.31
N MET A 124 -15.56 -2.99 -9.17
CA MET A 124 -14.18 -2.53 -9.15
C MET A 124 -13.28 -3.49 -9.92
N ALA A 125 -12.60 -2.98 -10.94
CA ALA A 125 -11.64 -3.76 -11.72
C ALA A 125 -10.24 -3.40 -11.23
N PHE A 126 -9.66 -4.26 -10.41
CA PHE A 126 -8.36 -4.01 -9.81
C PHE A 126 -7.26 -4.69 -10.61
N ALA A 127 -6.07 -4.10 -10.60
CA ALA A 127 -4.95 -4.66 -11.33
C ALA A 127 -4.40 -5.88 -10.62
N ALA A 128 -4.18 -6.96 -11.37
CA ALA A 128 -3.65 -8.22 -10.85
C ALA A 128 -4.59 -8.82 -9.81
N THR A 129 -5.87 -8.90 -10.18
CA THR A 129 -6.90 -9.66 -9.46
C THR A 129 -7.76 -10.33 -10.53
N PRO A 130 -8.14 -11.59 -10.34
CA PRO A 130 -8.75 -12.36 -11.43
C PRO A 130 -10.21 -11.98 -11.65
N ASN A 131 -10.83 -12.64 -12.63
CA ASN A 131 -12.22 -12.41 -13.02
C ASN A 131 -12.33 -10.96 -13.52
N GLU A 136 -15.89 -12.75 -18.72
CA GLU A 136 -15.37 -11.40 -18.92
C GLU A 136 -13.88 -11.38 -18.56
N PRO A 137 -13.04 -10.68 -19.38
CA PRO A 137 -11.58 -10.82 -19.23
C PRO A 137 -11.01 -10.33 -17.90
N ASN A 138 -9.70 -10.54 -17.74
CA ASN A 138 -8.94 -10.28 -16.53
C ASN A 138 -8.45 -8.84 -16.53
N PRO A 139 -8.74 -8.07 -15.48
CA PRO A 139 -8.25 -6.69 -15.41
C PRO A 139 -6.74 -6.63 -15.52
N PRO A 140 -6.21 -5.76 -16.38
CA PRO A 140 -4.79 -5.83 -16.75
C PRO A 140 -3.88 -5.56 -15.57
N GLY A 141 -2.63 -6.01 -15.71
CA GLY A 141 -1.62 -5.81 -14.69
C GLY A 141 -0.52 -4.88 -15.16
N THR A 142 0.28 -4.37 -14.22
CA THR A 142 1.26 -3.34 -14.49
C THR A 142 2.65 -3.87 -14.82
N LEU A 143 2.91 -5.16 -14.62
CA LEU A 143 4.22 -5.72 -14.94
C LEU A 143 4.33 -5.98 -16.44
N CYS A 144 4.13 -4.90 -17.20
CA CYS A 144 4.29 -4.89 -18.64
C CYS A 144 4.96 -3.58 -19.02
N LYS A 145 5.02 -3.30 -20.32
CA LYS A 145 5.60 -2.04 -20.76
C LYS A 145 4.57 -0.91 -20.84
N TYR A 146 3.39 -1.19 -21.38
CA TYR A 146 2.42 -0.15 -21.69
C TYR A 146 1.12 -0.43 -20.93
N PHE A 147 0.79 0.46 -19.99
CA PHE A 147 -0.39 0.35 -19.15
C PHE A 147 -1.38 1.46 -19.52
N LYS A 148 -2.66 1.10 -19.53
CA LYS A 148 -3.73 2.00 -19.92
C LYS A 148 -4.55 2.35 -18.69
N SER A 149 -4.71 3.64 -18.42
CA SER A 149 -5.41 4.11 -17.23
C SER A 149 -6.15 5.39 -17.56
N PRO A 150 -7.28 5.65 -16.91
CA PRO A 150 -7.93 6.95 -17.05
C PRO A 150 -7.06 8.05 -16.43
N GLU A 151 -7.31 9.28 -16.88
CA GLU A 151 -6.47 10.40 -16.49
C GLU A 151 -6.54 10.66 -14.98
N ASP A 152 -7.73 10.62 -14.40
CA ASP A 152 -7.91 10.96 -13.01
C ASP A 152 -7.41 9.88 -12.05
N PHE A 153 -6.90 8.76 -12.56
CA PHE A 153 -6.35 7.71 -11.71
C PHE A 153 -4.84 7.58 -11.86
N LEU A 154 -4.20 8.64 -12.34
CA LEU A 154 -2.75 8.80 -12.28
C LEU A 154 -2.45 10.10 -11.55
N VAL A 155 -1.38 10.11 -10.76
CA VAL A 155 -0.95 11.28 -10.02
C VAL A 155 0.41 11.70 -10.55
N LYS A 156 0.49 12.93 -11.07
CA LYS A 156 1.75 13.47 -11.56
C LYS A 156 2.78 13.53 -10.42
N LEU A 157 4.00 13.10 -10.73
CA LEU A 157 5.05 13.00 -9.71
C LEU A 157 5.90 14.26 -9.73
N PRO A 158 6.09 14.93 -8.58
CA PRO A 158 7.02 16.06 -8.54
C PRO A 158 8.42 15.63 -8.96
N ASP A 159 9.19 16.60 -9.45
CA ASP A 159 10.49 16.29 -10.04
C ASP A 159 11.43 15.64 -9.04
N HIS A 160 11.32 16.01 -7.76
CA HIS A 160 12.20 15.46 -6.72
C HIS A 160 11.68 14.16 -6.14
N VAL A 161 10.50 13.69 -6.56
CA VAL A 161 9.98 12.42 -6.09
C VAL A 161 10.40 11.34 -7.07
N SER A 162 11.19 10.39 -6.57
CA SER A 162 11.76 9.33 -7.39
C SER A 162 10.68 8.52 -8.10
N LEU A 163 11.00 8.06 -9.31
CA LEU A 163 10.16 7.09 -10.00
C LEU A 163 10.04 5.80 -9.21
N GLU A 164 11.02 5.51 -8.36
CA GLU A 164 10.90 4.38 -7.44
C GLU A 164 9.77 4.60 -6.44
N LEU A 165 9.78 5.76 -5.78
CA LEU A 165 8.78 6.02 -4.75
C LEU A 165 7.37 6.02 -5.32
N GLY A 166 7.22 6.32 -6.60
CA GLY A 166 5.92 6.21 -7.24
C GLY A 166 5.33 4.82 -7.12
N ALA A 167 6.19 3.79 -7.17
CA ALA A 167 5.72 2.43 -6.88
C ALA A 167 5.39 2.26 -5.41
N LEU A 168 6.10 2.96 -4.53
CA LEU A 168 5.82 2.95 -3.10
C LEU A 168 4.57 3.73 -2.73
N VAL A 169 3.99 4.48 -3.68
CA VAL A 169 2.78 5.24 -3.39
C VAL A 169 1.63 4.32 -3.02
N GLU A 170 1.55 3.17 -3.69
CA GLU A 170 0.43 2.25 -3.48
C GLU A 170 0.33 1.78 -2.02
N PRO A 171 1.38 1.19 -1.41
CA PRO A 171 1.24 0.83 0.01
C PRO A 171 1.22 2.05 0.93
N LEU A 172 1.66 3.22 0.45
CA LEU A 172 1.56 4.43 1.27
C LEU A 172 0.14 4.96 1.30
N SER A 173 -0.56 4.90 0.17
CA SER A 173 -1.96 5.32 0.14
C SER A 173 -2.80 4.46 1.08
N VAL A 174 -2.48 3.17 1.16
CA VAL A 174 -3.16 2.30 2.12
C VAL A 174 -3.05 2.87 3.53
N GLY A 175 -1.87 3.40 3.87
CA GLY A 175 -1.68 4.00 5.17
C GLY A 175 -2.30 5.37 5.30
N VAL A 176 -2.42 6.11 4.19
CA VAL A 176 -3.09 7.40 4.23
C VAL A 176 -4.58 7.23 4.47
N HIS A 177 -5.21 6.33 3.72
CA HIS A 177 -6.62 6.02 3.91
C HIS A 177 -6.90 5.59 5.34
N ALA A 178 -5.99 4.81 5.94
CA ALA A 178 -6.21 4.29 7.29
C ALA A 178 -6.12 5.40 8.32
N SER A 179 -5.07 6.23 8.26
CA SER A 179 -4.92 7.30 9.24
C SER A 179 -6.03 8.34 9.10
N LYS A 180 -6.57 8.52 7.89
CA LYS A 180 -7.72 9.39 7.71
C LYS A 180 -8.96 8.82 8.40
N LEU A 181 -9.22 7.52 8.19
CA LEU A 181 -10.33 6.87 8.88
C LEU A 181 -10.18 7.01 10.39
N GLY A 182 -8.96 6.90 10.89
CA GLY A 182 -8.68 7.11 12.29
C GLY A 182 -8.60 8.56 12.71
N SER A 183 -8.80 9.48 11.77
CA SER A 183 -8.82 10.92 12.03
C SER A 183 -7.56 11.35 12.78
N VAL A 184 -6.41 10.86 12.30
CA VAL A 184 -5.15 11.15 12.95
C VAL A 184 -4.87 12.64 12.81
N ALA A 185 -4.66 13.31 13.94
CA ALA A 185 -4.48 14.76 13.95
C ALA A 185 -3.33 15.12 14.87
N PHE A 186 -2.99 16.42 14.86
CA PHE A 186 -1.88 16.92 15.66
C PHE A 186 -2.00 16.50 17.11
N GLY A 187 -0.87 16.18 17.72
CA GLY A 187 -0.82 15.81 19.13
C GLY A 187 -1.34 14.43 19.46
N ASP A 188 -1.77 13.65 18.47
CA ASP A 188 -2.26 12.31 18.72
C ASP A 188 -1.13 11.38 19.12
N TYR A 189 -1.50 10.24 19.70
CA TYR A 189 -0.57 9.18 20.07
C TYR A 189 -1.03 7.90 19.40
N VAL A 190 -0.32 7.49 18.34
CA VAL A 190 -0.74 6.39 17.48
C VAL A 190 0.14 5.17 17.72
N ALA A 191 -0.48 4.00 17.78
CA ALA A 191 0.21 2.72 17.89
C ALA A 191 -0.06 1.91 16.62
N VAL A 192 0.99 1.70 15.83
CA VAL A 192 0.91 0.91 14.60
C VAL A 192 1.43 -0.49 14.89
N PHE A 193 0.63 -1.50 14.56
CA PHE A 193 0.99 -2.90 14.80
C PHE A 193 1.45 -3.52 13.49
N GLY A 194 2.69 -4.00 13.48
CA GLY A 194 3.26 -4.58 12.28
C GLY A 194 4.28 -3.66 11.63
N ALA A 195 5.55 -4.05 11.68
CA ALA A 195 6.64 -3.24 11.14
C ALA A 195 7.01 -3.65 9.71
N GLY A 196 6.06 -4.21 8.97
CA GLY A 196 6.27 -4.53 7.58
C GLY A 196 6.18 -3.28 6.73
N PRO A 197 6.18 -3.45 5.41
CA PRO A 197 6.09 -2.27 4.53
C PRO A 197 4.88 -1.40 4.79
N VAL A 198 3.68 -1.99 4.80
CA VAL A 198 2.46 -1.22 5.02
C VAL A 198 2.49 -0.58 6.41
N GLY A 199 2.82 -1.38 7.43
CA GLY A 199 2.87 -0.84 8.78
C GLY A 199 3.94 0.22 8.96
N LEU A 200 5.02 0.14 8.19
CA LEU A 200 6.04 1.17 8.26
C LEU A 200 5.55 2.48 7.64
N LEU A 201 4.99 2.39 6.43
CA LEU A 201 4.46 3.58 5.77
C LEU A 201 3.32 4.20 6.56
N ALA A 202 2.48 3.35 7.18
CA ALA A 202 1.39 3.86 8.01
C ALA A 202 1.91 4.69 9.17
N ALA A 203 2.98 4.22 9.83
CA ALA A 203 3.59 4.99 10.89
C ALA A 203 4.17 6.31 10.36
N ALA A 204 4.73 6.26 9.15
CA ALA A 204 5.26 7.48 8.55
C ALA A 204 4.15 8.50 8.30
N VAL A 205 2.95 8.04 7.96
CA VAL A 205 1.84 8.96 7.75
C VAL A 205 1.41 9.59 9.07
N ALA A 206 1.23 8.77 10.11
CA ALA A 206 0.79 9.28 11.40
C ALA A 206 1.73 10.37 11.90
N LYS A 207 3.04 10.11 11.88
CA LYS A 207 4.01 11.12 12.29
C LYS A 207 3.96 12.33 11.38
N THR A 208 3.81 12.11 10.07
CA THR A 208 3.70 13.22 9.12
C THR A 208 2.49 14.09 9.43
N PHE A 209 1.35 13.47 9.69
CA PHE A 209 0.12 14.19 10.00
C PHE A 209 0.17 14.92 11.34
N GLY A 210 1.25 14.81 12.08
CA GLY A 210 1.45 15.59 13.28
C GLY A 210 1.31 14.87 14.60
N ALA A 211 1.36 13.54 14.61
CA ALA A 211 1.22 12.81 15.87
C ALA A 211 2.39 13.10 16.78
N LYS A 212 2.09 13.39 18.05
CA LYS A 212 3.17 13.63 19.02
C LYS A 212 3.95 12.35 19.30
N GLY A 213 3.29 11.20 19.21
CA GLY A 213 3.95 9.92 19.39
C GLY A 213 3.47 8.86 18.42
N VAL A 214 4.40 8.13 17.82
CA VAL A 214 4.09 7.03 16.91
C VAL A 214 4.94 5.84 17.35
N ILE A 215 4.34 4.94 18.12
CA ILE A 215 5.03 3.72 18.55
C ILE A 215 4.68 2.59 17.59
N VAL A 216 5.70 1.88 17.12
CA VAL A 216 5.51 0.75 16.22
C VAL A 216 5.76 -0.52 17.00
N VAL A 217 4.88 -1.51 16.80
CA VAL A 217 4.90 -2.76 17.55
C VAL A 217 5.02 -3.91 16.56
N ASP A 218 5.94 -4.83 16.83
CA ASP A 218 6.08 -6.09 16.12
C ASP A 218 7.00 -6.98 16.95
N ILE A 219 7.42 -8.12 16.38
CA ILE A 219 8.31 -9.04 17.07
C ILE A 219 9.69 -9.10 16.43
N PHE A 220 9.91 -8.42 15.30
CA PHE A 220 11.22 -8.39 14.65
C PHE A 220 11.97 -7.15 15.12
N ASP A 221 13.09 -7.37 15.83
CA ASP A 221 13.91 -6.25 16.26
C ASP A 221 14.54 -5.52 15.08
N ASN A 222 14.86 -6.25 14.01
CA ASN A 222 15.40 -5.60 12.81
C ASN A 222 14.41 -4.59 12.25
N LYS A 223 13.14 -4.99 12.14
CA LYS A 223 12.13 -4.12 11.56
C LYS A 223 11.82 -2.94 12.48
N LEU A 224 11.84 -3.16 13.79
CA LEU A 224 11.60 -2.06 14.72
C LEU A 224 12.71 -1.03 14.66
N LYS A 225 13.96 -1.48 14.56
CA LYS A 225 15.08 -0.54 14.44
C LYS A 225 14.98 0.30 13.18
N MET A 226 14.44 -0.28 12.10
CA MET A 226 14.30 0.47 10.86
C MET A 226 13.21 1.54 10.99
N ALA A 227 12.09 1.19 11.65
CA ALA A 227 11.07 2.18 11.93
C ALA A 227 11.66 3.40 12.61
N LYS A 228 12.45 3.18 13.66
CA LYS A 228 13.07 4.28 14.39
C LYS A 228 14.16 4.96 13.56
N ASP A 229 14.83 4.21 12.68
CA ASP A 229 15.96 4.76 11.95
C ASP A 229 15.52 5.72 10.85
N ILE A 230 14.53 5.32 10.03
CA ILE A 230 13.98 6.25 9.05
C ILE A 230 13.18 7.38 9.69
N GLY A 231 12.98 7.37 11.01
CA GLY A 231 12.31 8.47 11.65
C GLY A 231 10.80 8.45 11.58
N ALA A 232 10.20 7.36 11.11
CA ALA A 232 8.75 7.25 11.06
C ALA A 232 8.14 6.95 12.42
N ALA A 233 8.93 6.44 13.37
CA ALA A 233 8.45 6.07 14.69
C ALA A 233 9.27 6.76 15.76
N THR A 234 8.57 7.31 16.75
CA THR A 234 9.23 7.89 17.91
C THR A 234 9.56 6.84 18.96
N HIS A 235 8.75 5.80 19.06
CA HIS A 235 8.98 4.71 20.00
C HIS A 235 8.78 3.38 19.28
N THR A 236 9.29 2.32 19.88
CA THR A 236 9.11 0.96 19.39
C THR A 236 8.81 0.05 20.58
N PHE A 237 8.23 -1.12 20.28
CA PHE A 237 7.91 -2.09 21.30
C PHE A 237 7.87 -3.49 20.69
N ASN A 238 8.62 -4.41 21.28
CA ASN A 238 8.58 -5.81 20.85
C ASN A 238 7.54 -6.55 21.69
N SER A 239 6.55 -7.12 21.01
CA SER A 239 5.35 -7.63 21.67
C SER A 239 5.56 -8.96 22.38
N LYS A 240 6.77 -9.50 22.40
CA LYS A 240 7.06 -10.63 23.28
C LYS A 240 7.55 -10.18 24.65
N THR A 241 7.72 -8.87 24.85
CA THR A 241 8.12 -8.35 26.15
C THR A 241 7.00 -8.47 27.17
N GLY A 242 5.78 -8.15 26.76
CA GLY A 242 4.66 -8.22 27.69
C GLY A 242 3.38 -7.74 27.05
N GLY A 243 2.52 -7.17 27.89
CA GLY A 243 1.18 -6.77 27.51
C GLY A 243 1.05 -5.27 27.36
N SER A 244 -0.10 -4.75 27.79
CA SER A 244 -0.43 -3.36 27.50
C SER A 244 0.41 -2.39 28.33
N GLU A 245 0.67 -2.73 29.60
CA GLU A 245 1.39 -1.80 30.46
C GLU A 245 2.81 -1.55 29.95
N GLU A 246 3.49 -2.60 29.50
CA GLU A 246 4.84 -2.44 28.94
C GLU A 246 4.80 -1.64 27.65
N LEU A 247 3.80 -1.87 26.79
CA LEU A 247 3.63 -1.06 25.60
C LEU A 247 3.47 0.41 25.94
N ILE A 248 2.72 0.70 27.01
CA ILE A 248 2.58 2.08 27.45
C ILE A 248 3.91 2.60 28.00
N LYS A 249 4.61 1.78 28.78
CA LYS A 249 5.91 2.18 29.30
C LYS A 249 6.91 2.42 28.18
N ALA A 250 6.90 1.56 27.16
CA ALA A 250 7.75 1.77 26.00
C ALA A 250 7.38 3.03 25.23
N PHE A 251 6.17 3.54 25.42
CA PHE A 251 5.69 4.74 24.76
C PHE A 251 5.93 5.99 25.58
N GLY A 252 6.76 5.91 26.61
CA GLY A 252 6.96 7.02 27.51
C GLY A 252 5.81 7.28 28.45
N GLY A 253 5.02 6.26 28.75
CA GLY A 253 3.82 6.42 29.56
C GLY A 253 2.62 6.96 28.83
N ASN A 254 2.81 7.52 27.62
CA ASN A 254 1.69 8.00 26.83
C ASN A 254 0.79 6.84 26.42
N VAL A 255 -0.51 7.00 26.66
CA VAL A 255 -1.48 5.95 26.31
C VAL A 255 -1.94 6.19 24.89
N PRO A 256 -2.02 5.17 24.04
CA PRO A 256 -2.32 5.38 22.63
C PRO A 256 -3.72 5.94 22.40
N ASN A 257 -3.81 6.82 21.41
CA ASN A 257 -5.03 7.49 20.99
C ASN A 257 -5.68 6.82 19.80
N VAL A 258 -4.87 6.45 18.80
CA VAL A 258 -5.30 5.70 17.63
C VAL A 258 -4.46 4.43 17.56
N VAL A 259 -5.08 3.33 17.12
CA VAL A 259 -4.39 2.08 16.89
C VAL A 259 -4.54 1.73 15.42
N LEU A 260 -3.41 1.58 14.74
CA LEU A 260 -3.40 1.20 13.33
C LEU A 260 -2.95 -0.25 13.25
N GLU A 261 -3.91 -1.14 13.02
CA GLU A 261 -3.67 -2.59 13.08
C GLU A 261 -3.34 -3.09 11.68
N CYS A 262 -2.05 -3.27 11.41
CA CYS A 262 -1.57 -3.68 10.09
C CYS A 262 -1.15 -5.14 10.05
N THR A 263 -1.48 -5.91 11.08
CA THR A 263 -0.96 -7.25 11.23
C THR A 263 -1.99 -8.34 10.94
N GLY A 264 -3.21 -8.20 11.44
CA GLY A 264 -4.22 -9.20 11.25
C GLY A 264 -4.11 -10.40 12.17
N ALA A 265 -3.25 -10.35 13.17
CA ALA A 265 -3.07 -11.45 14.10
C ALA A 265 -3.74 -11.15 15.43
N GLU A 266 -4.24 -12.20 16.08
CA GLU A 266 -4.91 -12.06 17.37
C GLU A 266 -4.06 -11.37 18.42
N PRO A 267 -2.81 -11.80 18.70
CA PRO A 267 -2.07 -11.15 19.80
C PRO A 267 -1.92 -9.66 19.62
N CYS A 268 -1.84 -9.17 18.38
CA CYS A 268 -1.73 -7.74 18.15
C CYS A 268 -3.07 -7.03 18.32
N ILE A 269 -4.14 -7.61 17.78
CA ILE A 269 -5.47 -7.03 17.97
C ILE A 269 -5.81 -6.98 19.45
N LYS A 270 -5.55 -8.09 20.17
CA LYS A 270 -5.81 -8.13 21.60
C LYS A 270 -5.01 -7.06 22.33
N LEU A 271 -3.74 -6.90 21.99
CA LEU A 271 -2.90 -5.93 22.67
C LEU A 271 -3.32 -4.51 22.37
N GLY A 272 -3.74 -4.24 21.12
CA GLY A 272 -4.18 -2.91 20.76
C GLY A 272 -5.43 -2.47 21.47
N VAL A 273 -6.28 -3.42 21.88
CA VAL A 273 -7.55 -3.05 22.51
C VAL A 273 -7.34 -2.72 23.99
N ASP A 274 -6.53 -3.51 24.70
CA ASP A 274 -6.25 -3.18 26.09
C ASP A 274 -5.49 -1.86 26.22
N ALA A 275 -4.62 -1.56 25.24
CA ALA A 275 -3.75 -0.41 25.37
C ALA A 275 -4.47 0.89 25.07
N ILE A 276 -5.36 0.89 24.07
CA ILE A 276 -5.94 2.12 23.58
C ILE A 276 -6.76 2.82 24.65
N ALA A 277 -6.77 4.15 24.61
CA ALA A 277 -7.50 4.95 25.57
C ALA A 277 -9.01 4.80 25.36
N PRO A 278 -9.80 4.99 26.42
CA PRO A 278 -11.26 4.95 26.25
C PRO A 278 -11.71 6.00 25.24
N GLY A 279 -12.59 5.58 24.33
CA GLY A 279 -13.00 6.43 23.24
C GLY A 279 -12.00 6.51 22.10
N GLY A 280 -10.92 5.75 22.15
CA GLY A 280 -9.94 5.78 21.08
C GLY A 280 -10.47 5.20 19.79
N ARG A 281 -9.70 5.44 18.72
CA ARG A 281 -10.06 5.02 17.38
C ARG A 281 -9.12 3.90 16.94
N PHE A 282 -9.70 2.81 16.46
CA PHE A 282 -8.99 1.58 16.13
C PHE A 282 -9.29 1.25 14.67
N VAL A 283 -8.27 1.33 13.82
CA VAL A 283 -8.42 1.07 12.40
C VAL A 283 -7.86 -0.32 12.08
N GLN A 284 -8.65 -1.12 11.38
CA GLN A 284 -8.27 -2.48 11.00
C GLN A 284 -7.91 -2.48 9.52
N VAL A 285 -6.61 -2.64 9.22
CA VAL A 285 -6.17 -2.78 7.84
C VAL A 285 -5.59 -4.16 7.56
N GLY A 286 -5.02 -4.83 8.57
CA GLY A 286 -4.51 -6.18 8.36
C GLY A 286 -5.64 -7.16 8.13
N ASN A 287 -5.35 -8.20 7.36
CA ASN A 287 -6.32 -9.22 7.02
C ASN A 287 -5.95 -10.55 7.66
N ALA A 288 -6.93 -11.20 8.29
CA ALA A 288 -6.72 -12.51 8.87
C ALA A 288 -7.10 -13.59 7.88
N ALA A 289 -6.63 -14.82 8.14
CA ALA A 289 -6.98 -15.94 7.28
C ALA A 289 -8.43 -16.36 7.48
N GLY A 290 -8.99 -16.09 8.66
CA GLY A 290 -10.38 -16.37 8.93
C GLY A 290 -10.88 -15.55 10.10
N PRO A 291 -11.90 -16.05 10.80
CA PRO A 291 -12.30 -15.40 12.05
C PRO A 291 -11.18 -15.43 13.07
N VAL A 292 -11.26 -14.51 14.03
CA VAL A 292 -10.25 -14.39 15.08
C VAL A 292 -10.97 -14.14 16.40
N SER A 293 -10.30 -14.50 17.50
CA SER A 293 -10.85 -14.27 18.83
C SER A 293 -10.69 -12.81 19.20
N PHE A 294 -11.82 -12.15 19.50
CA PHE A 294 -11.85 -10.69 19.66
C PHE A 294 -12.38 -10.31 21.04
N PRO A 295 -11.75 -9.34 21.70
CA PRO A 295 -12.25 -8.84 23.00
C PRO A 295 -13.41 -7.88 22.82
N ILE A 296 -14.59 -8.44 22.51
CA ILE A 296 -15.71 -7.63 22.06
C ILE A 296 -16.26 -6.75 23.18
N THR A 297 -16.13 -7.18 24.44
CA THR A 297 -16.81 -6.47 25.50
C THR A 297 -16.01 -5.29 26.04
N VAL A 298 -14.70 -5.45 26.21
CA VAL A 298 -13.87 -4.30 26.58
C VAL A 298 -13.92 -3.25 25.47
N PHE A 299 -14.07 -3.70 24.23
CA PHE A 299 -14.35 -2.78 23.13
C PHE A 299 -15.56 -1.91 23.42
N ALA A 300 -16.65 -2.53 23.88
CA ALA A 300 -17.86 -1.78 24.18
C ALA A 300 -17.66 -0.88 25.40
N MET A 301 -17.11 -1.43 26.48
CA MET A 301 -16.96 -0.67 27.72
C MET A 301 -16.06 0.56 27.55
N LYS A 302 -15.17 0.54 26.56
CA LYS A 302 -14.28 1.67 26.30
C LYS A 302 -14.85 2.63 25.27
N GLU A 303 -16.00 2.30 24.67
CA GLU A 303 -16.61 3.11 23.62
C GLU A 303 -15.62 3.36 22.48
N LEU A 304 -14.90 2.31 22.11
CA LEU A 304 -13.99 2.41 20.99
C LEU A 304 -14.78 2.48 19.68
N THR A 305 -14.06 2.79 18.61
CA THR A 305 -14.62 2.78 17.27
C THR A 305 -13.68 1.98 16.37
N LEU A 306 -14.21 0.95 15.72
CA LEU A 306 -13.43 0.10 14.84
C LEU A 306 -13.74 0.50 13.40
N PHE A 307 -12.71 0.89 12.67
CA PHE A 307 -12.86 1.24 11.26
C PHE A 307 -12.24 0.14 10.42
N GLY A 308 -13.07 -0.53 9.61
CA GLY A 308 -12.57 -1.40 8.57
C GLY A 308 -12.00 -0.56 7.45
N SER A 309 -10.71 -0.73 7.16
CA SER A 309 -10.05 -0.01 6.09
C SER A 309 -9.78 -0.98 4.95
N PHE A 310 -10.16 -0.59 3.74
CA PHE A 310 -10.02 -1.44 2.56
C PHE A 310 -9.43 -0.63 1.43
N ARG A 311 -8.15 -0.86 1.13
CA ARG A 311 -7.43 -0.22 0.02
C ARG A 311 -7.42 1.29 0.25
N TYR A 312 -7.75 2.10 -0.75
CA TYR A 312 -7.65 3.56 -0.67
C TYR A 312 -8.77 4.17 -1.50
N GLY A 313 -9.13 5.40 -1.16
CA GLY A 313 -10.23 6.06 -1.85
C GLY A 313 -9.92 7.43 -2.40
N PHE A 314 -10.93 8.28 -2.48
CA PHE A 314 -10.79 9.59 -3.12
C PHE A 314 -9.72 10.41 -2.42
N ASN A 315 -8.85 11.03 -3.22
CA ASN A 315 -7.79 11.93 -2.78
C ASN A 315 -6.66 11.23 -2.04
N ASP A 316 -6.71 9.90 -1.89
CA ASP A 316 -5.71 9.22 -1.07
C ASP A 316 -4.38 9.13 -1.80
N TYR A 317 -4.40 8.88 -3.10
CA TYR A 317 -3.17 8.81 -3.88
C TYR A 317 -2.49 10.18 -3.92
N LYS A 318 -3.24 11.22 -4.32
CA LYS A 318 -2.69 12.56 -4.33
C LYS A 318 -2.10 12.93 -2.97
N THR A 319 -2.78 12.56 -1.88
CA THR A 319 -2.27 12.87 -0.56
C THR A 319 -0.97 12.13 -0.28
N ALA A 320 -0.88 10.87 -0.70
CA ALA A 320 0.35 10.10 -0.48
C ALA A 320 1.50 10.69 -1.29
N VAL A 321 1.26 10.97 -2.57
CA VAL A 321 2.29 11.60 -3.39
C VAL A 321 2.72 12.93 -2.78
N GLY A 322 1.76 13.69 -2.26
CA GLY A 322 2.10 14.94 -1.59
C GLY A 322 2.96 14.73 -0.36
N ILE A 323 2.84 13.57 0.28
CA ILE A 323 3.73 13.26 1.40
C ILE A 323 5.16 13.14 0.91
N PHE A 324 5.37 12.46 -0.22
CA PHE A 324 6.68 12.45 -0.86
C PHE A 324 7.12 13.86 -1.24
N ASP A 325 6.20 14.65 -1.79
CA ASP A 325 6.52 16.00 -2.23
C ASP A 325 7.13 16.81 -1.10
N THR A 326 6.39 16.97 0.00
CA THR A 326 6.87 17.82 1.09
C THR A 326 8.00 17.18 1.86
N ASN A 327 8.05 15.84 1.91
CA ASN A 327 9.12 15.17 2.63
C ASN A 327 10.48 15.41 1.98
N TYR A 328 10.52 15.50 0.65
CA TYR A 328 11.75 15.55 -0.11
C TYR A 328 11.97 16.87 -0.84
N GLN A 329 11.18 17.91 -0.54
CA GLN A 329 11.26 19.13 -1.32
C GLN A 329 12.55 19.90 -1.04
N ASN A 330 13.06 19.82 0.19
CA ASN A 330 14.31 20.50 0.55
C ASN A 330 15.48 19.52 0.61
N GLY A 331 15.46 18.49 -0.22
CA GLY A 331 16.59 17.60 -0.38
C GLY A 331 16.47 16.36 0.47
N ARG A 332 17.03 15.26 -0.05
CA ARG A 332 17.11 14.02 0.72
C ARG A 332 17.88 14.22 2.01
N GLU A 333 18.86 15.14 2.01
CA GLU A 333 19.65 15.38 3.21
C GLU A 333 18.81 15.99 4.32
N ASN A 334 17.83 16.83 3.96
CA ASN A 334 16.96 17.47 4.92
C ASN A 334 15.61 16.79 5.04
N ALA A 335 15.43 15.64 4.41
CA ALA A 335 14.15 14.94 4.45
C ALA A 335 13.90 14.38 5.85
N PRO A 336 12.72 14.61 6.43
CA PRO A 336 12.47 14.15 7.81
C PRO A 336 12.30 12.65 7.94
N ILE A 337 11.93 11.93 6.88
CA ILE A 337 11.82 10.48 6.95
C ILE A 337 12.45 9.89 5.69
N ASP A 338 13.25 8.83 5.88
CA ASP A 338 14.06 8.25 4.81
C ASP A 338 13.31 7.06 4.20
N PHE A 339 12.31 7.38 3.39
CA PHE A 339 11.48 6.33 2.81
C PHE A 339 12.26 5.36 1.93
N GLU A 340 13.40 5.79 1.37
CA GLU A 340 14.08 4.98 0.38
C GLU A 340 14.69 3.72 0.97
N GLN A 341 14.96 3.69 2.28
CA GLN A 341 15.44 2.47 2.90
C GLN A 341 14.46 1.33 2.72
N LEU A 342 13.17 1.63 2.54
CA LEU A 342 12.19 0.58 2.30
C LEU A 342 12.46 -0.19 1.01
N ILE A 343 13.41 0.25 0.19
CA ILE A 343 13.80 -0.50 -0.99
C ILE A 343 15.11 -1.21 -0.67
N THR A 344 15.03 -2.53 -0.46
CA THR A 344 16.20 -3.32 -0.12
C THR A 344 16.70 -4.17 -1.27
N HIS A 345 15.93 -4.30 -2.35
CA HIS A 345 16.33 -5.07 -3.51
C HIS A 345 15.81 -4.37 -4.77
N ARG A 346 16.59 -4.43 -5.84
CA ARG A 346 16.20 -3.87 -7.12
C ARG A 346 16.52 -4.87 -8.21
N TYR A 347 15.60 -5.02 -9.17
CA TYR A 347 15.72 -6.06 -10.20
C TYR A 347 15.32 -5.49 -11.55
N LYS A 348 15.95 -6.00 -12.59
CA LYS A 348 15.55 -5.69 -13.95
C LYS A 348 14.36 -6.56 -14.35
N PHE A 349 13.69 -6.16 -15.44
CA PHE A 349 12.50 -6.91 -15.86
C PHE A 349 12.83 -8.34 -16.24
N LYS A 350 14.03 -8.58 -16.77
CA LYS A 350 14.41 -9.95 -17.10
C LYS A 350 14.48 -10.82 -15.84
N ASP A 351 15.03 -10.28 -14.76
CA ASP A 351 15.18 -11.00 -13.50
C ASP A 351 13.94 -10.91 -12.62
N ALA A 352 12.74 -10.94 -13.23
CA ALA A 352 11.51 -10.77 -12.46
C ALA A 352 11.22 -11.99 -11.60
N ILE A 353 11.38 -13.19 -12.16
CA ILE A 353 11.08 -14.41 -11.41
C ILE A 353 12.11 -14.63 -10.31
N GLU A 354 13.36 -14.23 -10.54
CA GLU A 354 14.34 -14.25 -9.46
C GLU A 354 13.90 -13.34 -8.32
N ALA A 355 13.10 -12.31 -8.63
CA ALA A 355 12.60 -11.40 -7.60
C ALA A 355 11.39 -11.97 -6.88
N TYR A 356 10.49 -12.63 -7.62
CA TYR A 356 9.31 -13.20 -6.98
C TYR A 356 9.68 -14.33 -6.03
N ASP A 357 10.56 -15.23 -6.46
CA ASP A 357 11.04 -16.29 -5.57
C ASP A 357 11.81 -15.70 -4.40
N LEU A 358 12.54 -14.61 -4.63
CA LEU A 358 13.26 -13.94 -3.55
C LEU A 358 12.31 -13.49 -2.46
N VAL A 359 11.23 -12.80 -2.83
CA VAL A 359 10.25 -12.36 -1.84
C VAL A 359 9.44 -13.54 -1.33
N ARG A 360 9.21 -14.56 -2.18
CA ARG A 360 8.53 -15.75 -1.71
C ARG A 360 9.33 -16.47 -0.63
N ALA A 361 10.66 -16.49 -0.78
CA ALA A 361 11.52 -17.15 0.19
C ALA A 361 11.69 -16.35 1.48
N GLY A 362 11.27 -15.08 1.51
CA GLY A 362 11.43 -14.26 2.69
C GLY A 362 12.87 -14.08 3.10
N LYS A 363 13.71 -13.61 2.17
CA LYS A 363 15.13 -13.48 2.42
C LYS A 363 15.49 -12.30 3.31
N GLY A 364 14.56 -11.37 3.52
CA GLY A 364 14.84 -10.21 4.35
C GLY A 364 14.58 -8.90 3.63
N ALA A 365 13.84 -8.99 2.53
CA ALA A 365 13.48 -7.81 1.75
C ALA A 365 12.22 -7.19 2.32
N VAL A 366 12.29 -5.90 2.65
CA VAL A 366 11.08 -5.19 3.05
C VAL A 366 10.24 -4.84 1.83
N LYS A 367 10.85 -4.22 0.81
CA LYS A 367 10.18 -4.01 -0.46
C LYS A 367 11.16 -4.22 -1.60
N CYS A 368 10.69 -4.89 -2.64
CA CYS A 368 11.49 -5.23 -3.81
C CYS A 368 10.85 -4.58 -5.04
N LEU A 369 11.66 -3.91 -5.86
CA LEU A 369 11.18 -3.22 -7.04
C LEU A 369 11.76 -3.84 -8.30
N ILE A 370 10.94 -3.89 -9.35
CA ILE A 370 11.31 -4.47 -10.63
C ILE A 370 11.14 -3.42 -11.71
N ASP A 371 12.17 -3.25 -12.54
CA ASP A 371 12.10 -2.31 -13.65
C ASP A 371 11.15 -2.81 -14.73
N GLY A 372 10.74 -1.90 -15.58
CA GLY A 372 9.97 -2.26 -16.75
C GLY A 372 10.87 -2.66 -17.90
N PRO A 373 10.29 -3.30 -18.92
CA PRO A 373 11.03 -3.74 -20.11
C PRO A 373 11.66 -2.57 -20.88
#